data_3W7J
#
_entry.id   3W7J
#
_cell.length_a   67.999
_cell.length_b   71.693
_cell.length_c   129.418
_cell.angle_alpha   90.000
_cell.angle_beta   90.000
_cell.angle_gamma   90.000
#
_symmetry.space_group_name_H-M   'P 21 21 21'
#
loop_
_entity.id
_entity.type
_entity.pdbx_description
1 polymer 'Dihydroorotate dehydrogenase (fumarate)'
2 non-polymer '5-[2-(6-carboxynaphthalen-2-yl)ethyl]-2,6-dioxo-1,2,3,6-tetrahydropyrimidine-4-carboxylic acid'
3 non-polymer GLYCEROL
4 non-polymer 'FLAVIN MONONUCLEOTIDE'
5 non-polymer 'COBALT HEXAMMINE(III)'
6 water water
#
_entity_poly.entity_id   1
_entity_poly.type   'polypeptide(L)'
_entity_poly.pdbx_seq_one_letter_code
;MCLKLNLLDHVFANPFMNAAGVLCSTEEDLRCMTASSSGALVSKSCTSAPRDGNPEPRYMAFPLGSINSMGLPNLGFDFY
LKYASDLHDYSKKPLFLSISGLSVEENVAMVRRLAPVAQEKGVLLELNLSCPNVPGKPQVAYDFEAMRTYLQQVSLAYGL
PFGVKMPPYFDIAHFDTAAAVLNEFPLVKFVTCVNSVGNGLVIDAESESVVIKPKQGFGGLGGKYILPTALANVNAFYRR
CPDKLVFGCGGVYSGEDAFLHILAGASMVQVGTALQEEGPGIFTRLEDELLEIMARKGYRTLEEFRGRVKTIE
;
_entity_poly.pdbx_strand_id   A,B
#
# COMPACT_ATOMS: atom_id res chain seq x y z
N MET A 1 8.83 30.21 -19.61
CA MET A 1 8.41 28.96 -18.89
C MET A 1 7.69 29.32 -17.60
N CYS A 2 6.57 28.68 -17.29
CA CYS A 2 5.89 29.07 -16.08
C CYS A 2 5.05 27.96 -15.48
N LEU A 3 4.97 28.09 -14.14
CA LEU A 3 4.26 27.12 -13.34
C LEU A 3 2.88 27.50 -12.96
N LYS A 4 2.39 28.61 -13.52
CA LYS A 4 1.05 29.14 -13.22
C LYS A 4 -0.05 28.19 -13.57
N LEU A 5 -1.08 28.15 -12.72
CA LEU A 5 -2.31 27.44 -13.01
C LEU A 5 -3.52 28.29 -12.63
N ASN A 6 -4.61 28.11 -13.36
CA ASN A 6 -5.87 28.78 -13.06
C ASN A 6 -6.85 27.65 -12.99
N LEU A 7 -7.36 27.39 -11.82
CA LEU A 7 -8.41 26.41 -11.69
C LEU A 7 -9.35 26.74 -10.57
N LEU A 8 -10.49 26.09 -10.55
CA LEU A 8 -11.48 26.38 -9.54
C LEU A 8 -11.75 27.87 -9.34
N ASP A 9 -11.61 28.68 -10.41
CA ASP A 9 -11.78 30.08 -10.35
C ASP A 9 -10.80 30.80 -9.47
N HIS A 10 -9.64 30.16 -9.25
CA HIS A 10 -8.54 30.81 -8.61
C HIS A 10 -7.28 30.75 -9.42
N VAL A 11 -6.31 31.60 -9.06
CA VAL A 11 -5.03 31.67 -9.73
C VAL A 11 -3.95 31.24 -8.73
N PHE A 12 -3.09 30.34 -9.19
CA PHE A 12 -2.04 29.74 -8.41
C PHE A 12 -0.72 30.03 -9.07
N ALA A 13 0.25 30.51 -8.32
CA ALA A 13 1.57 30.81 -8.87
C ALA A 13 2.30 29.55 -9.34
N ASN A 14 2.01 28.42 -8.67
CA ASN A 14 2.69 27.18 -9.00
C ASN A 14 1.76 26.09 -8.39
N PRO A 15 2.04 24.84 -8.70
CA PRO A 15 1.11 23.78 -8.23
C PRO A 15 1.31 23.26 -6.83
N PHE A 16 2.29 23.77 -6.19
CA PHE A 16 2.70 23.16 -4.89
C PHE A 16 1.97 23.72 -3.72
N MET A 17 1.64 22.81 -2.79
CA MET A 17 1.02 23.15 -1.50
C MET A 17 1.38 22.12 -0.47
N ASN A 18 1.18 22.49 0.81
CA ASN A 18 1.28 21.43 1.77
C ASN A 18 0.22 20.37 1.66
N ALA A 19 0.48 19.20 2.16
CA ALA A 19 -0.52 18.17 2.42
C ALA A 19 -1.27 18.42 3.72
N ALA A 20 -2.56 18.18 3.78
CA ALA A 20 -3.26 18.42 5.01
C ALA A 20 -2.57 17.70 6.15
N GLY A 21 -2.49 18.38 7.27
CA GLY A 21 -1.85 17.83 8.42
C GLY A 21 -0.47 18.32 8.67
N VAL A 22 0.24 18.71 7.63
CA VAL A 22 1.63 19.14 7.78
C VAL A 22 1.68 20.65 7.68
N LEU A 23 2.29 21.25 8.73
CA LEU A 23 2.56 22.70 8.81
C LEU A 23 1.32 23.52 8.59
N CYS A 24 0.29 23.14 9.32
CA CYS A 24 -1.00 23.82 9.09
C CYS A 24 -1.98 23.78 10.22
N SER A 25 -1.52 23.49 11.40
CA SER A 25 -2.43 23.34 12.60
C SER A 25 -2.72 24.60 13.36
N THR A 26 -1.72 25.42 13.53
CA THR A 26 -1.85 26.69 14.27
C THR A 26 -1.81 27.90 13.36
N GLU A 27 -2.13 29.09 13.90
CA GLU A 27 -2.01 30.32 13.20
C GLU A 27 -0.58 30.50 12.71
N GLU A 28 0.39 30.27 13.62
CA GLU A 28 1.81 30.36 13.28
C GLU A 28 2.09 29.49 12.02
N ASP A 29 1.58 28.24 11.99
CA ASP A 29 1.87 27.35 10.87
C ASP A 29 1.25 27.89 9.61
N LEU A 30 -0.01 28.38 9.68
CA LEU A 30 -0.69 28.93 8.49
C LEU A 30 -0.04 30.20 7.97
N ARG A 31 0.45 31.07 8.88
CA ARG A 31 1.23 32.25 8.50
C ARG A 31 2.54 31.78 7.80
N CYS A 32 3.15 30.73 8.29
CA CYS A 32 4.40 30.25 7.69
C CYS A 32 4.18 29.70 6.30
N MET A 33 3.13 28.87 6.16
CA MET A 33 2.77 28.37 4.83
C MET A 33 2.46 29.51 3.88
N THR A 34 1.79 30.54 4.39
CA THR A 34 1.39 31.66 3.58
C THR A 34 2.66 32.44 3.11
N ALA A 35 3.66 32.59 4.00
CA ALA A 35 4.88 33.31 3.65
C ALA A 35 5.79 32.54 2.71
N SER A 36 5.57 31.25 2.61
CA SER A 36 6.39 30.36 1.79
C SER A 36 6.14 30.58 0.30
N SER A 37 6.96 29.92 -0.52
CA SER A 37 6.74 30.06 -1.98
C SER A 37 5.66 29.13 -2.49
N SER A 38 4.98 28.35 -1.68
CA SER A 38 3.95 27.48 -2.23
C SER A 38 2.87 28.24 -2.99
N GLY A 39 2.24 27.58 -3.93
CA GLY A 39 1.15 28.18 -4.64
C GLY A 39 -0.19 28.24 -3.94
N ALA A 40 -0.33 27.38 -2.91
CA ALA A 40 -1.51 27.37 -2.04
C ALA A 40 -1.20 26.76 -0.69
N LEU A 41 -2.16 26.78 0.23
CA LEU A 41 -2.04 26.00 1.47
C LEU A 41 -3.36 25.39 1.82
N VAL A 42 -3.30 24.36 2.61
CA VAL A 42 -4.52 23.71 3.20
C VAL A 42 -4.41 23.66 4.70
N SER A 43 -5.48 24.00 5.39
CA SER A 43 -5.48 23.91 6.87
C SER A 43 -5.64 22.51 7.37
N LYS A 44 -5.19 22.22 8.61
CA LYS A 44 -5.28 20.94 9.21
C LYS A 44 -6.73 20.44 9.26
N SER A 45 -6.90 19.17 8.94
CA SER A 45 -8.26 18.55 9.00
C SER A 45 -8.83 18.89 10.35
N CYS A 46 -10.07 19.38 10.38
CA CYS A 46 -10.66 19.75 11.65
C CYS A 46 -11.97 18.99 11.95
N THR A 47 -12.29 19.06 13.23
CA THR A 47 -13.51 18.57 13.81
C THR A 47 -14.23 19.72 14.50
N SER A 48 -15.51 19.50 14.86
CA SER A 48 -16.25 20.55 15.47
C SER A 48 -15.60 21.04 16.74
N ALA A 49 -15.12 20.14 17.58
CA ALA A 49 -14.48 20.51 18.84
C ALA A 49 -12.98 20.38 18.70
N PRO A 50 -12.23 21.16 19.42
CA PRO A 50 -10.80 20.92 19.42
C PRO A 50 -10.45 19.50 19.92
N ARG A 51 -9.32 18.92 19.43
CA ARG A 51 -8.83 17.62 19.87
C ARG A 51 -7.37 17.69 20.19
N ASP A 52 -6.94 17.01 21.25
CA ASP A 52 -5.55 16.85 21.54
C ASP A 52 -4.81 15.78 20.70
N GLY A 53 -5.59 14.89 20.14
CA GLY A 53 -5.02 13.79 19.37
C GLY A 53 -4.44 12.73 20.29
N ASN A 54 -3.71 11.80 19.65
CA ASN A 54 -3.22 10.61 20.32
C ASN A 54 -1.97 10.83 21.13
N PRO A 55 -1.68 9.91 22.03
CA PRO A 55 -0.40 10.10 22.77
C PRO A 55 0.86 10.00 21.95
N GLU A 56 1.89 10.72 22.39
CA GLU A 56 3.18 10.73 21.66
C GLU A 56 4.06 9.61 22.18
N PRO A 57 4.99 9.13 21.37
CA PRO A 57 5.26 9.55 19.99
C PRO A 57 4.21 9.06 19.03
N ARG A 58 3.85 9.95 18.12
CA ARG A 58 2.75 9.61 17.18
C ARG A 58 3.13 9.90 15.72
N TYR A 59 4.31 10.42 15.44
CA TYR A 59 4.87 10.62 14.09
C TYR A 59 6.33 10.30 14.21
N MET A 60 6.82 9.53 13.26
CA MET A 60 8.23 9.31 13.08
C MET A 60 8.63 9.21 11.67
N ALA A 61 9.79 9.73 11.34
CA ALA A 61 10.25 9.75 9.93
C ALA A 61 11.63 9.09 9.81
N PHE A 62 11.88 8.57 8.62
CA PHE A 62 13.03 7.75 8.32
C PHE A 62 13.41 8.02 6.87
N PRO A 63 14.57 7.51 6.43
CA PRO A 63 14.96 7.80 5.06
C PRO A 63 13.97 7.54 3.96
N LEU A 64 13.16 6.51 4.12
CA LEU A 64 12.20 6.18 3.08
C LEU A 64 10.82 6.71 3.32
N GLY A 65 10.56 7.36 4.43
CA GLY A 65 9.25 8.01 4.66
C GLY A 65 8.90 8.12 6.08
N SER A 66 7.59 8.18 6.37
CA SER A 66 7.11 8.47 7.70
C SER A 66 5.92 7.50 8.03
N ILE A 67 5.59 7.45 9.32
CA ILE A 67 4.47 6.73 9.88
C ILE A 67 3.82 7.63 10.88
N ASN A 68 2.48 7.66 10.92
CA ASN A 68 1.81 8.53 11.89
C ASN A 68 0.51 7.88 12.34
N SER A 69 0.18 8.14 13.58
CA SER A 69 -1.18 7.96 14.09
C SER A 69 -1.44 9.20 14.93
N MET A 70 -1.54 10.35 14.27
CA MET A 70 -1.78 11.58 14.99
C MET A 70 -3.06 11.60 15.81
N GLY A 71 -4.13 11.05 15.25
CA GLY A 71 -5.42 11.02 15.93
C GLY A 71 -6.17 12.33 15.76
N LEU A 72 -5.94 13.05 14.69
CA LEU A 72 -6.64 14.24 14.39
C LEU A 72 -6.54 15.32 15.45
N PRO A 73 -5.37 15.64 15.92
CA PRO A 73 -5.22 16.81 16.80
C PRO A 73 -5.52 18.05 15.99
N ASN A 74 -6.36 18.98 16.51
CA ASN A 74 -6.66 20.21 15.79
C ASN A 74 -7.30 21.25 16.71
N LEU A 75 -7.29 22.48 16.26
CA LEU A 75 -7.81 23.60 17.09
C LEU A 75 -9.33 23.79 17.02
N GLY A 76 -9.99 22.93 16.26
CA GLY A 76 -11.47 23.00 16.18
C GLY A 76 -11.86 23.87 15.02
N PHE A 77 -13.00 23.52 14.47
CA PHE A 77 -13.54 24.24 13.31
C PHE A 77 -13.65 25.71 13.45
N ASP A 78 -14.11 26.23 14.60
CA ASP A 78 -14.27 27.65 14.66
C ASP A 78 -12.97 28.38 14.43
N PHE A 79 -11.86 27.84 14.91
CA PHE A 79 -10.57 28.42 14.61
C PHE A 79 -10.23 28.50 13.16
N TYR A 80 -10.39 27.37 12.47
CA TYR A 80 -10.03 27.40 11.05
C TYR A 80 -10.99 28.23 10.21
N LEU A 81 -12.27 28.25 10.61
CA LEU A 81 -13.26 29.14 9.96
C LEU A 81 -12.88 30.61 10.18
N LYS A 82 -12.41 30.99 11.36
CA LYS A 82 -11.97 32.36 11.61
C LYS A 82 -10.73 32.71 10.85
N TYR A 83 -9.86 31.72 10.65
CA TYR A 83 -8.64 31.97 9.90
C TYR A 83 -9.07 32.27 8.49
N ALA A 84 -9.98 31.44 7.97
CA ALA A 84 -10.48 31.64 6.60
C ALA A 84 -11.25 32.99 6.42
N SER A 85 -12.00 33.36 7.44
CA SER A 85 -12.90 34.46 7.23
C SER A 85 -12.22 35.82 7.53
N ASP A 86 -11.30 35.86 8.46
CA ASP A 86 -10.75 37.07 9.02
C ASP A 86 -9.23 37.22 8.89
N LEU A 87 -8.43 36.13 8.89
CA LEU A 87 -7.00 36.25 9.03
C LEU A 87 -6.20 36.02 7.76
N HIS A 88 -6.64 35.08 6.95
CA HIS A 88 -5.88 34.72 5.72
C HIS A 88 -5.86 35.88 4.77
N ASP A 89 -4.67 36.12 4.22
CA ASP A 89 -4.49 37.06 3.15
C ASP A 89 -4.60 36.41 1.78
N TYR A 90 -5.76 36.51 1.17
CA TYR A 90 -6.03 35.88 -0.09
C TYR A 90 -5.28 36.51 -1.27
N SER A 91 -4.71 37.70 -1.05
CA SER A 91 -3.88 38.30 -2.09
C SER A 91 -2.55 37.50 -2.18
N LYS A 92 -2.15 36.76 -1.14
CA LYS A 92 -0.89 36.00 -1.21
C LYS A 92 -1.05 34.68 -1.98
N LYS A 93 -2.11 33.92 -1.68
CA LYS A 93 -2.39 32.68 -2.35
C LYS A 93 -3.71 32.11 -1.88
N PRO A 94 -4.27 31.17 -2.60
CA PRO A 94 -5.51 30.52 -2.20
C PRO A 94 -5.38 29.64 -1.01
N LEU A 95 -6.48 29.52 -0.29
CA LEU A 95 -6.59 28.65 0.88
C LEU A 95 -7.59 27.60 0.67
N PHE A 96 -7.23 26.37 1.07
CA PHE A 96 -8.12 25.25 1.21
C PHE A 96 -8.31 25.02 2.71
N LEU A 97 -9.53 24.62 3.08
CA LEU A 97 -9.86 24.28 4.44
C LEU A 97 -10.21 22.81 4.39
N SER A 98 -9.52 21.96 5.18
CA SER A 98 -9.84 20.52 5.22
C SER A 98 -10.70 20.23 6.39
N ILE A 99 -11.77 19.50 6.16
CA ILE A 99 -12.62 19.04 7.27
C ILE A 99 -12.57 17.53 7.39
N SER A 100 -12.67 16.98 8.61
CA SER A 100 -12.64 15.57 8.78
C SER A 100 -13.47 15.20 9.97
N GLY A 101 -14.76 15.50 9.84
CA GLY A 101 -15.68 15.07 10.92
C GLY A 101 -15.73 13.59 11.12
N LEU A 102 -16.03 13.21 12.35
CA LEU A 102 -16.01 11.78 12.73
C LEU A 102 -17.34 11.06 12.49
N SER A 103 -18.31 11.81 12.00
CA SER A 103 -19.59 11.32 11.54
C SER A 103 -20.11 12.19 10.43
N VAL A 104 -21.08 11.68 9.70
CA VAL A 104 -21.68 12.50 8.63
C VAL A 104 -22.34 13.74 9.23
N GLU A 105 -23.00 13.60 10.39
CA GLU A 105 -23.62 14.76 10.98
C GLU A 105 -22.64 15.90 11.36
N GLU A 106 -21.46 15.52 11.89
CA GLU A 106 -20.44 16.49 12.20
C GLU A 106 -19.97 17.22 10.94
N ASN A 107 -19.72 16.49 9.86
CA ASN A 107 -19.32 17.17 8.63
C ASN A 107 -20.42 18.17 8.12
N VAL A 108 -21.70 17.74 8.14
CA VAL A 108 -22.78 18.56 7.72
C VAL A 108 -22.80 19.87 8.55
N ALA A 109 -22.62 19.74 9.87
CA ALA A 109 -22.66 20.87 10.73
C ALA A 109 -21.60 21.88 10.34
N MET A 110 -20.41 21.39 10.05
CA MET A 110 -19.34 22.31 9.66
C MET A 110 -19.56 22.94 8.28
N VAL A 111 -19.90 22.13 7.27
CA VAL A 111 -20.01 22.70 5.94
C VAL A 111 -21.16 23.73 5.79
N ARG A 112 -22.17 23.49 6.62
CA ARG A 112 -23.22 24.55 6.70
C ARG A 112 -22.74 25.92 7.05
N ARG A 113 -21.81 25.96 7.97
CA ARG A 113 -21.29 27.22 8.41
C ARG A 113 -20.10 27.69 7.60
N LEU A 114 -19.43 26.77 6.91
CA LEU A 114 -18.37 27.18 5.99
C LEU A 114 -18.85 27.84 4.68
N ALA A 115 -20.00 27.40 4.24
CA ALA A 115 -20.59 27.83 2.93
C ALA A 115 -20.53 29.35 2.73
N PRO A 116 -21.06 30.16 3.68
CA PRO A 116 -21.07 31.58 3.41
C PRO A 116 -19.65 32.19 3.30
N VAL A 117 -18.70 31.63 4.07
CA VAL A 117 -17.35 32.07 4.02
C VAL A 117 -16.71 31.65 2.69
N ALA A 118 -16.95 30.45 2.26
CA ALA A 118 -16.49 30.00 0.95
C ALA A 118 -17.03 30.88 -0.12
N GLN A 119 -18.33 31.18 -0.09
CA GLN A 119 -18.92 32.05 -1.08
C GLN A 119 -18.32 33.46 -1.06
N GLU A 120 -18.14 34.07 0.11
CA GLU A 120 -17.67 35.41 0.22
C GLU A 120 -16.17 35.55 0.01
N LYS A 121 -15.37 34.63 0.58
CA LYS A 121 -13.89 34.84 0.60
C LYS A 121 -13.16 33.91 -0.38
N GLY A 122 -13.85 32.90 -0.80
CA GLY A 122 -13.32 31.97 -1.82
C GLY A 122 -12.45 30.86 -1.24
N VAL A 123 -12.42 30.62 0.08
CA VAL A 123 -11.81 29.41 0.65
C VAL A 123 -12.41 28.17 0.04
N LEU A 124 -11.58 27.16 -0.23
CA LEU A 124 -11.99 25.94 -0.90
C LEU A 124 -12.02 24.75 0.03
N LEU A 125 -13.11 24.02 0.01
CA LEU A 125 -13.27 22.89 0.95
C LEU A 125 -12.61 21.62 0.41
N GLU A 126 -11.79 20.95 1.24
CA GLU A 126 -11.28 19.59 1.01
C GLU A 126 -11.91 18.73 2.10
N LEU A 127 -12.79 17.83 1.70
CA LEU A 127 -13.44 16.90 2.61
C LEU A 127 -12.65 15.62 2.75
N ASN A 128 -12.17 15.31 3.95
CA ASN A 128 -11.37 14.09 4.11
C ASN A 128 -12.21 12.89 4.30
N LEU A 129 -12.17 11.98 3.34
CA LEU A 129 -12.92 10.74 3.41
C LEU A 129 -12.04 9.54 3.83
N SER A 130 -10.73 9.72 4.13
CA SER A 130 -9.88 8.69 4.67
C SER A 130 -9.86 8.94 6.09
N CYS A 131 -10.95 8.58 6.77
CA CYS A 131 -11.24 9.02 8.08
C CYS A 131 -12.06 7.85 8.75
N PRO A 132 -11.89 7.63 10.04
CA PRO A 132 -12.80 6.79 10.77
C PRO A 132 -14.25 7.20 10.74
N ASN A 133 -15.12 6.21 10.78
CA ASN A 133 -16.55 6.37 11.00
C ASN A 133 -16.90 5.53 12.23
N VAL A 134 -17.76 4.52 12.08
CA VAL A 134 -18.01 3.66 13.26
C VAL A 134 -16.85 2.78 13.54
N PRO A 135 -16.31 2.76 14.76
CA PRO A 135 -15.22 1.77 14.94
C PRO A 135 -15.61 0.33 14.69
N GLY A 136 -14.75 -0.46 14.09
CA GLY A 136 -15.09 -1.74 13.59
C GLY A 136 -15.58 -1.90 12.19
N LYS A 137 -15.91 -0.76 11.57
CA LYS A 137 -16.20 -0.66 10.18
C LYS A 137 -14.93 0.00 9.55
N PRO A 138 -14.82 -0.18 8.24
CA PRO A 138 -13.70 0.45 7.54
C PRO A 138 -13.83 1.93 7.51
N GLN A 139 -12.73 2.60 7.25
CA GLN A 139 -12.75 4.03 7.07
C GLN A 139 -13.74 4.40 5.96
N VAL A 140 -14.23 5.65 6.01
CA VAL A 140 -15.33 6.09 5.16
C VAL A 140 -15.17 5.69 3.68
N ALA A 141 -14.01 5.99 3.11
CA ALA A 141 -13.79 5.77 1.68
C ALA A 141 -13.50 4.31 1.33
N TYR A 142 -13.40 3.45 2.31
CA TYR A 142 -13.40 2.06 2.03
C TYR A 142 -14.75 1.41 2.28
N ASP A 143 -15.76 2.22 2.55
CA ASP A 143 -17.16 1.75 2.77
C ASP A 143 -18.00 2.51 1.78
N PHE A 144 -18.21 1.97 0.58
CA PHE A 144 -18.78 2.79 -0.50
C PHE A 144 -20.16 3.30 -0.20
N GLU A 145 -20.93 2.56 0.56
CA GLU A 145 -22.22 3.10 0.94
C GLU A 145 -22.11 4.27 1.87
N ALA A 146 -21.18 4.21 2.85
CA ALA A 146 -20.99 5.38 3.69
C ALA A 146 -20.48 6.59 2.88
N MET A 147 -19.53 6.34 1.93
CA MET A 147 -18.95 7.37 1.12
C MET A 147 -20.05 8.12 0.38
N ARG A 148 -20.96 7.31 -0.18
CA ARG A 148 -22.11 7.90 -0.91
C ARG A 148 -22.96 8.78 -0.01
N THR A 149 -23.25 8.30 1.15
CA THR A 149 -24.03 9.07 2.13
C THR A 149 -23.36 10.34 2.51
N TYR A 150 -22.08 10.24 2.77
CA TYR A 150 -21.34 11.46 3.10
C TYR A 150 -21.41 12.51 2.01
N LEU A 151 -21.15 12.10 0.76
CA LEU A 151 -21.17 12.98 -0.35
C LEU A 151 -22.55 13.57 -0.68
N GLN A 152 -23.60 12.77 -0.48
CA GLN A 152 -24.92 13.26 -0.67
C GLN A 152 -25.23 14.35 0.36
N GLN A 153 -24.91 14.04 1.65
CA GLN A 153 -25.28 15.02 2.73
C GLN A 153 -24.46 16.28 2.67
N VAL A 154 -23.16 16.17 2.35
CA VAL A 154 -22.36 17.33 2.28
C VAL A 154 -22.71 18.14 1.03
N SER A 155 -22.99 17.49 -0.10
CA SER A 155 -23.39 18.22 -1.31
C SER A 155 -24.66 19.05 -0.99
N LEU A 156 -25.63 18.42 -0.38
CA LEU A 156 -26.85 19.14 -0.04
C LEU A 156 -26.60 20.27 0.94
N ALA A 157 -25.82 20.03 1.99
CA ALA A 157 -25.58 21.02 3.03
C ALA A 157 -24.74 22.17 2.58
N TYR A 158 -23.81 21.91 1.66
CA TYR A 158 -22.80 22.91 1.38
C TYR A 158 -23.21 23.72 0.14
N GLY A 159 -23.54 22.99 -0.92
CA GLY A 159 -24.11 23.52 -2.12
C GLY A 159 -23.20 24.33 -3.03
N LEU A 160 -21.89 24.13 -2.87
CA LEU A 160 -20.85 24.83 -3.61
C LEU A 160 -19.80 23.77 -4.02
N PRO A 161 -19.03 24.11 -5.04
CA PRO A 161 -17.93 23.16 -5.44
C PRO A 161 -17.04 22.85 -4.21
N PHE A 162 -16.61 21.60 -4.12
CA PHE A 162 -15.65 21.16 -3.12
C PHE A 162 -14.81 20.03 -3.68
N GLY A 163 -13.82 19.63 -2.92
CA GLY A 163 -13.04 18.42 -3.28
C GLY A 163 -12.99 17.42 -2.17
N VAL A 164 -12.45 16.25 -2.47
CA VAL A 164 -12.38 15.18 -1.52
C VAL A 164 -10.94 14.62 -1.44
N LYS A 165 -10.52 14.26 -0.26
CA LYS A 165 -9.23 13.60 -0.05
C LYS A 165 -9.46 12.09 0.10
N MET A 166 -8.88 11.29 -0.77
CA MET A 166 -9.08 9.88 -0.83
C MET A 166 -7.93 9.05 -0.32
N PRO A 167 -8.20 7.92 0.37
CA PRO A 167 -7.18 6.91 0.63
C PRO A 167 -6.75 6.28 -0.68
N PRO A 168 -5.61 5.61 -0.69
CA PRO A 168 -5.26 4.81 -1.81
C PRO A 168 -6.13 3.56 -1.90
N TYR A 169 -6.36 3.13 -3.15
CA TYR A 169 -6.88 1.83 -3.45
C TYR A 169 -5.86 0.95 -4.19
N PHE A 170 -6.09 -0.37 -4.16
CA PHE A 170 -5.12 -1.33 -4.60
C PHE A 170 -5.68 -2.35 -5.59
N ASP A 171 -6.96 -2.23 -5.91
CA ASP A 171 -7.72 -3.27 -6.67
C ASP A 171 -8.45 -2.41 -7.74
N ILE A 172 -8.41 -2.84 -8.97
CA ILE A 172 -9.08 -2.14 -10.07
C ILE A 172 -10.56 -2.04 -9.82
N ALA A 173 -11.15 -3.05 -9.21
CA ALA A 173 -12.61 -2.99 -8.98
C ALA A 173 -12.95 -1.87 -8.03
N HIS A 174 -12.07 -1.59 -7.05
CA HIS A 174 -12.22 -0.45 -6.18
C HIS A 174 -12.00 0.90 -6.84
N PHE A 175 -11.04 0.97 -7.76
CA PHE A 175 -10.89 2.17 -8.53
C PHE A 175 -12.21 2.39 -9.30
N ASP A 176 -12.74 1.33 -9.87
CA ASP A 176 -13.92 1.56 -10.69
C ASP A 176 -15.11 2.02 -9.83
N THR A 177 -15.31 1.36 -8.75
CA THR A 177 -16.45 1.68 -7.84
C THR A 177 -16.31 3.04 -7.23
N ALA A 178 -15.13 3.35 -6.74
CA ALA A 178 -14.92 4.63 -6.14
C ALA A 178 -15.14 5.78 -7.07
N ALA A 179 -14.58 5.70 -8.28
CA ALA A 179 -14.77 6.78 -9.22
C ALA A 179 -16.21 6.92 -9.65
N ALA A 180 -16.88 5.82 -9.78
CA ALA A 180 -18.31 5.84 -10.10
C ALA A 180 -19.07 6.58 -9.02
N VAL A 181 -18.77 6.30 -7.73
CA VAL A 181 -19.45 7.05 -6.66
C VAL A 181 -19.14 8.54 -6.79
N LEU A 182 -17.88 8.91 -6.90
CA LEU A 182 -17.54 10.32 -7.02
C LEU A 182 -18.24 11.01 -8.19
N ASN A 183 -18.34 10.33 -9.34
CA ASN A 183 -18.95 10.89 -10.52
C ASN A 183 -20.51 11.09 -10.39
N GLU A 184 -21.08 10.57 -9.35
CA GLU A 184 -22.50 10.85 -9.02
C GLU A 184 -22.68 12.29 -8.53
N PHE A 185 -21.58 12.96 -8.10
CA PHE A 185 -21.65 14.21 -7.37
C PHE A 185 -21.01 15.33 -8.14
N PRO A 186 -21.78 16.10 -8.88
CA PRO A 186 -21.22 17.14 -9.69
C PRO A 186 -20.49 18.27 -8.92
N LEU A 187 -20.81 18.42 -7.64
CA LEU A 187 -20.14 19.43 -6.89
C LEU A 187 -18.71 19.04 -6.47
N VAL A 188 -18.40 17.75 -6.59
CA VAL A 188 -17.01 17.30 -6.28
C VAL A 188 -16.18 17.67 -7.50
N LYS A 189 -15.41 18.73 -7.39
CA LYS A 189 -14.71 19.28 -8.52
C LYS A 189 -13.25 18.89 -8.52
N PHE A 190 -12.73 18.46 -7.38
CA PHE A 190 -11.34 17.91 -7.33
C PHE A 190 -11.29 16.71 -6.40
N VAL A 191 -10.32 15.80 -6.70
CA VAL A 191 -10.13 14.60 -5.96
C VAL A 191 -8.62 14.57 -5.65
N THR A 192 -8.29 14.54 -4.38
CA THR A 192 -6.89 14.52 -3.97
C THR A 192 -6.52 13.10 -3.65
N CYS A 193 -5.57 12.59 -4.42
CA CYS A 193 -5.06 11.20 -4.31
C CYS A 193 -3.59 11.29 -4.00
N VAL A 194 -3.07 10.85 -2.84
CA VAL A 194 -3.71 9.99 -1.84
C VAL A 194 -3.40 10.50 -0.47
N ASN A 195 -4.27 10.13 0.45
CA ASN A 195 -3.93 10.08 1.91
C ASN A 195 -2.83 9.00 2.22
N SER A 196 -2.45 8.87 3.46
CA SER A 196 -1.44 7.88 3.79
C SER A 196 -1.85 6.44 3.49
N VAL A 197 -0.87 5.58 3.26
CA VAL A 197 -1.10 4.13 3.11
C VAL A 197 -1.35 3.55 4.52
N GLY A 198 -2.57 3.08 4.69
CA GLY A 198 -3.04 2.74 6.01
C GLY A 198 -2.38 1.61 6.67
N ASN A 199 -2.26 1.76 7.99
CA ASN A 199 -1.86 0.68 8.88
C ASN A 199 -0.62 -0.06 8.45
N GLY A 200 0.41 0.69 8.18
CA GLY A 200 1.75 0.16 8.10
C GLY A 200 2.33 -0.06 9.52
N LEU A 201 3.49 -0.69 9.63
CA LEU A 201 4.08 -0.98 10.97
C LEU A 201 5.60 -0.85 10.80
N VAL A 202 6.22 0.16 11.41
CA VAL A 202 7.66 0.29 11.39
C VAL A 202 8.20 -0.24 12.73
N ILE A 203 9.23 -1.02 12.60
CA ILE A 203 9.86 -1.65 13.74
C ILE A 203 11.34 -1.27 13.72
N ASP A 204 11.83 -0.86 14.89
CA ASP A 204 13.23 -0.54 15.06
C ASP A 204 14.00 -1.82 15.49
N ALA A 205 14.95 -2.25 14.67
CA ALA A 205 15.69 -3.46 14.98
C ALA A 205 16.52 -3.44 16.28
N GLU A 206 17.10 -2.32 16.60
CA GLU A 206 17.95 -2.27 17.78
C GLU A 206 17.14 -2.42 19.07
N SER A 207 16.04 -1.68 19.16
CA SER A 207 15.25 -1.70 20.35
C SER A 207 14.18 -2.76 20.34
N GLU A 208 13.99 -3.38 19.16
CA GLU A 208 12.97 -4.41 18.99
C GLU A 208 11.55 -3.92 19.21
N SER A 209 11.34 -2.65 18.97
CA SER A 209 10.10 -1.97 19.34
C SER A 209 9.51 -1.29 18.13
N VAL A 210 8.18 -1.20 18.13
CA VAL A 210 7.50 -0.25 17.25
C VAL A 210 7.95 1.22 17.59
N VAL A 211 7.69 2.15 16.71
CA VAL A 211 8.22 3.53 16.85
C VAL A 211 7.21 4.58 17.21
N ILE A 212 5.93 4.26 17.12
CA ILE A 212 4.84 5.11 17.58
C ILE A 212 4.02 4.37 18.60
N LYS A 213 3.46 5.10 19.55
CA LYS A 213 2.75 4.58 20.67
C LYS A 213 1.31 4.16 20.41
N PRO A 214 0.53 4.96 19.65
CA PRO A 214 -0.86 4.54 19.45
C PRO A 214 -0.96 3.27 18.63
N LYS A 215 -2.14 2.69 18.79
CA LYS A 215 -2.45 1.57 17.96
CA LYS A 215 -2.45 1.57 17.96
C LYS A 215 -1.36 0.35 17.70
N GLN A 216 -0.68 0.17 18.86
CA GLN A 216 0.36 -0.88 18.88
C GLN A 216 1.36 -0.67 17.76
N GLY A 217 1.62 0.58 17.41
CA GLY A 217 2.61 0.90 16.43
C GLY A 217 2.09 1.01 15.01
N PHE A 218 0.84 0.69 14.75
CA PHE A 218 0.30 0.75 13.39
C PHE A 218 -0.05 2.21 13.04
N GLY A 219 0.26 2.66 11.84
CA GLY A 219 0.00 3.98 11.42
C GLY A 219 0.04 4.16 9.93
N GLY A 220 -0.37 5.34 9.51
CA GLY A 220 -0.37 5.61 8.11
C GLY A 220 1.01 6.00 7.60
N LEU A 221 1.33 5.49 6.38
CA LEU A 221 2.64 5.65 5.78
C LEU A 221 2.64 6.74 4.75
N GLY A 222 3.70 7.52 4.76
CA GLY A 222 3.90 8.52 3.72
C GLY A 222 5.33 8.51 3.24
N GLY A 223 5.61 9.26 2.22
CA GLY A 223 6.92 9.45 1.73
C GLY A 223 7.36 8.49 0.59
N LYS A 224 8.63 8.19 0.53
CA LYS A 224 9.16 7.40 -0.61
C LYS A 224 8.49 6.08 -0.74
N TYR A 225 8.08 5.44 0.38
CA TYR A 225 7.32 4.20 0.31
C TYR A 225 6.17 4.23 -0.67
N ILE A 226 5.49 5.37 -0.77
CA ILE A 226 4.14 5.42 -1.34
C ILE A 226 4.03 6.09 -2.69
N LEU A 227 5.14 6.45 -3.33
CA LEU A 227 5.05 7.20 -4.56
C LEU A 227 4.40 6.41 -5.68
N PRO A 228 4.84 5.13 -5.94
CA PRO A 228 4.10 4.45 -7.03
C PRO A 228 2.63 4.20 -6.76
N THR A 229 2.25 4.01 -5.50
CA THR A 229 0.86 3.89 -5.11
C THR A 229 0.13 5.20 -5.41
N ALA A 230 0.77 6.32 -5.03
CA ALA A 230 0.17 7.62 -5.27
C ALA A 230 -0.06 7.87 -6.73
N LEU A 231 0.97 7.62 -7.55
CA LEU A 231 0.89 7.84 -8.96
C LEU A 231 -0.25 7.03 -9.54
N ALA A 232 -0.34 5.76 -9.14
CA ALA A 232 -1.36 4.89 -9.65
C ALA A 232 -2.76 5.46 -9.41
N ASN A 233 -2.96 5.95 -8.20
CA ASN A 233 -4.26 6.45 -7.83
C ASN A 233 -4.56 7.71 -8.56
N VAL A 234 -3.56 8.61 -8.66
CA VAL A 234 -3.73 9.83 -9.46
C VAL A 234 -4.20 9.46 -10.87
N ASN A 235 -3.48 8.54 -11.46
CA ASN A 235 -3.79 8.23 -12.89
C ASN A 235 -5.12 7.52 -12.98
N ALA A 236 -5.40 6.59 -12.09
CA ALA A 236 -6.66 5.86 -12.11
C ALA A 236 -7.85 6.82 -12.05
N PHE A 237 -7.80 7.79 -11.15
CA PHE A 237 -8.87 8.78 -11.06
C PHE A 237 -8.88 9.79 -12.16
N TYR A 238 -7.73 10.14 -12.67
CA TYR A 238 -7.62 11.04 -13.81
C TYR A 238 -8.29 10.45 -15.02
N ARG A 239 -8.11 9.13 -15.20
CA ARG A 239 -8.74 8.43 -16.34
C ARG A 239 -10.23 8.26 -16.10
N ARG A 240 -10.66 8.06 -14.89
CA ARG A 240 -12.06 7.71 -14.59
C ARG A 240 -12.97 8.90 -14.31
N CYS A 241 -12.36 10.05 -14.03
CA CYS A 241 -13.13 11.25 -13.70
C CYS A 241 -12.79 12.37 -14.56
N PRO A 242 -13.21 12.28 -15.81
CA PRO A 242 -12.76 13.25 -16.77
C PRO A 242 -13.35 14.68 -16.56
N ASP A 243 -14.41 14.82 -15.82
CA ASP A 243 -14.95 16.14 -15.54
C ASP A 243 -14.52 16.70 -14.19
N LYS A 244 -13.50 16.13 -13.55
CA LYS A 244 -13.00 16.57 -12.25
C LYS A 244 -11.51 16.85 -12.41
N LEU A 245 -10.96 17.62 -11.51
CA LEU A 245 -9.47 17.76 -11.34
C LEU A 245 -9.01 16.67 -10.39
N VAL A 246 -7.73 16.31 -10.52
CA VAL A 246 -7.06 15.39 -9.56
C VAL A 246 -5.91 16.15 -9.02
N PHE A 247 -5.78 16.19 -7.69
CA PHE A 247 -4.62 16.74 -7.08
C PHE A 247 -3.77 15.53 -6.59
N GLY A 248 -2.45 15.62 -6.81
CA GLY A 248 -1.65 14.49 -6.40
C GLY A 248 -1.01 14.74 -5.05
N CYS A 249 -0.88 13.69 -4.26
CA CYS A 249 -0.23 13.75 -2.95
C CYS A 249 0.38 12.38 -2.71
N GLY A 250 1.66 12.32 -2.35
CA GLY A 250 2.32 11.08 -1.92
C GLY A 250 3.69 10.97 -2.54
N GLY A 251 4.70 10.98 -1.68
CA GLY A 251 6.01 10.67 -2.12
C GLY A 251 6.70 11.75 -2.84
N VAL A 252 6.27 13.00 -2.76
CA VAL A 252 7.00 14.08 -3.46
C VAL A 252 8.14 14.59 -2.62
N TYR A 253 9.35 14.41 -3.12
CA TYR A 253 10.56 14.97 -2.54
C TYR A 253 11.32 15.89 -3.50
N SER A 254 10.98 15.89 -4.75
CA SER A 254 11.78 16.54 -5.74
C SER A 254 10.84 17.05 -6.85
N GLY A 255 11.41 17.89 -7.69
CA GLY A 255 10.71 18.36 -8.86
C GLY A 255 10.43 17.20 -9.83
N GLU A 256 11.31 16.19 -9.88
CA GLU A 256 11.10 14.99 -10.70
C GLU A 256 9.85 14.26 -10.23
N ASP A 257 9.73 14.08 -8.90
CA ASP A 257 8.55 13.38 -8.36
C ASP A 257 7.29 14.16 -8.71
N ALA A 258 7.33 15.50 -8.63
CA ALA A 258 6.17 16.35 -8.98
C ALA A 258 5.83 16.22 -10.46
N PHE A 259 6.88 16.23 -11.29
CA PHE A 259 6.70 15.96 -12.74
C PHE A 259 6.00 14.64 -13.02
N LEU A 260 6.35 13.56 -12.33
CA LEU A 260 5.64 12.35 -12.48
C LEU A 260 4.18 12.41 -12.08
N HIS A 261 3.89 13.02 -10.92
CA HIS A 261 2.53 13.25 -10.57
C HIS A 261 1.73 13.99 -11.66
N ILE A 262 2.33 15.03 -12.24
CA ILE A 262 1.65 15.86 -13.23
C ILE A 262 1.45 15.02 -14.50
N LEU A 263 2.47 14.27 -14.93
CA LEU A 263 2.28 13.36 -16.08
C LEU A 263 1.20 12.36 -15.87
N ALA A 264 1.00 11.89 -14.61
CA ALA A 264 -0.11 11.03 -14.26
C ALA A 264 -1.45 11.67 -14.25
N GLY A 265 -1.51 12.98 -14.16
CA GLY A 265 -2.78 13.71 -14.19
C GLY A 265 -2.90 14.81 -13.15
N ALA A 266 -1.91 14.96 -12.28
CA ALA A 266 -2.13 15.92 -11.16
C ALA A 266 -2.19 17.39 -11.63
N SER A 267 -3.14 18.19 -11.05
CA SER A 267 -3.20 19.65 -11.15
C SER A 267 -2.36 20.26 -10.04
N MET A 268 -2.86 20.35 -8.85
CA MET A 268 -2.01 20.66 -7.76
C MET A 268 -1.22 19.42 -7.27
N VAL A 269 -0.08 19.68 -6.61
CA VAL A 269 0.82 18.66 -6.08
C VAL A 269 1.05 19.02 -4.64
N GLN A 270 0.66 18.14 -3.76
CA GLN A 270 0.75 18.38 -2.28
C GLN A 270 2.01 17.66 -1.75
N VAL A 271 2.57 18.17 -0.65
CA VAL A 271 3.82 17.74 -0.11
C VAL A 271 3.59 17.56 1.38
N GLY A 272 3.75 16.33 1.86
CA GLY A 272 3.51 15.98 3.27
C GLY A 272 4.86 15.71 3.94
N THR A 273 5.24 14.43 4.04
CA THR A 273 6.45 14.00 4.69
C THR A 273 7.65 14.87 4.38
N ALA A 274 7.90 15.12 3.12
CA ALA A 274 9.13 15.83 2.72
C ALA A 274 9.10 17.22 3.30
N LEU A 275 7.93 17.86 3.35
CA LEU A 275 7.79 19.18 3.93
C LEU A 275 7.94 19.12 5.45
N GLN A 276 7.37 18.13 6.10
CA GLN A 276 7.60 17.90 7.50
C GLN A 276 9.07 17.79 7.85
N GLU A 277 9.84 17.15 7.00
CA GLU A 277 11.24 16.87 7.26
C GLU A 277 12.10 18.04 6.89
N GLU A 278 11.86 18.70 5.76
CA GLU A 278 12.75 19.69 5.24
C GLU A 278 12.34 21.13 5.60
N GLY A 279 11.05 21.37 5.82
CA GLY A 279 10.57 22.67 6.10
C GLY A 279 10.20 23.42 4.83
N PRO A 280 9.61 24.60 4.95
CA PRO A 280 8.98 25.25 3.82
C PRO A 280 9.90 25.75 2.76
N GLY A 281 11.20 25.76 3.02
CA GLY A 281 12.19 26.03 1.97
C GLY A 281 12.04 25.05 0.86
N ILE A 282 11.43 23.90 1.11
CA ILE A 282 11.32 22.87 0.05
C ILE A 282 10.62 23.44 -1.16
N PHE A 283 9.72 24.37 -1.00
CA PHE A 283 8.92 24.81 -2.14
C PHE A 283 9.78 25.59 -3.17
N THR A 284 10.82 26.30 -2.76
CA THR A 284 11.61 27.01 -3.78
C THR A 284 12.39 25.93 -4.54
N ARG A 285 12.92 24.92 -3.85
CA ARG A 285 13.61 23.83 -4.47
C ARG A 285 12.80 23.07 -5.42
N LEU A 286 11.57 22.74 -5.04
CA LEU A 286 10.69 21.98 -5.95
C LEU A 286 10.40 22.76 -7.20
N GLU A 287 10.11 24.03 -7.03
CA GLU A 287 9.88 24.96 -8.19
C GLU A 287 11.04 24.96 -9.13
N ASP A 288 12.21 25.20 -8.59
CA ASP A 288 13.44 25.24 -9.43
C ASP A 288 13.64 23.92 -10.15
N GLU A 289 13.48 22.82 -9.43
CA GLU A 289 13.69 21.51 -10.01
C GLU A 289 12.71 21.19 -11.12
N LEU A 290 11.44 21.54 -10.91
CA LEU A 290 10.42 21.25 -11.90
C LEU A 290 10.68 22.13 -13.15
N LEU A 291 11.05 23.41 -12.95
CA LEU A 291 11.34 24.27 -14.08
C LEU A 291 12.56 23.76 -14.82
N GLU A 292 13.54 23.20 -14.12
CA GLU A 292 14.64 22.71 -14.90
C GLU A 292 14.32 21.52 -15.78
N ILE A 293 13.50 20.61 -15.27
CA ILE A 293 13.08 19.47 -16.09
C ILE A 293 12.25 19.96 -17.25
N MET A 294 11.33 20.91 -17.04
CA MET A 294 10.59 21.52 -18.13
C MET A 294 11.54 22.16 -19.16
N ALA A 295 12.54 22.85 -18.72
CA ALA A 295 13.51 23.53 -19.70
C ALA A 295 14.19 22.54 -20.54
N ARG A 296 14.61 21.43 -19.97
CA ARG A 296 15.37 20.40 -20.68
C ARG A 296 14.54 19.74 -21.73
N LYS A 297 13.28 19.59 -21.44
CA LYS A 297 12.30 18.94 -22.28
C LYS A 297 11.60 19.87 -23.23
N GLY A 298 11.84 21.13 -23.07
CA GLY A 298 11.16 22.09 -23.95
C GLY A 298 9.72 22.42 -23.63
N TYR A 299 9.23 22.10 -22.41
CA TYR A 299 7.84 22.40 -22.00
C TYR A 299 7.80 23.79 -21.40
N ARG A 300 6.78 24.53 -21.84
CA ARG A 300 6.64 25.90 -21.41
C ARG A 300 5.61 26.05 -20.27
N THR A 301 4.65 25.16 -20.23
CA THR A 301 3.56 25.20 -19.25
C THR A 301 3.26 23.75 -18.81
N LEU A 302 2.56 23.67 -17.70
CA LEU A 302 2.12 22.41 -17.10
C LEU A 302 1.11 21.65 -17.98
N GLU A 303 0.25 22.35 -18.71
CA GLU A 303 -0.77 21.72 -19.51
C GLU A 303 -0.15 20.98 -20.66
N GLU A 304 1.05 21.36 -21.03
CA GLU A 304 1.68 20.69 -22.13
C GLU A 304 1.98 19.22 -21.82
N PHE A 305 2.07 18.83 -20.53
CA PHE A 305 2.37 17.44 -20.19
C PHE A 305 1.47 16.83 -19.12
N ARG A 306 0.52 17.60 -18.57
CA ARG A 306 -0.32 17.03 -17.52
C ARG A 306 -1.14 15.91 -18.11
N GLY A 307 -1.12 14.75 -17.51
CA GLY A 307 -1.93 13.62 -17.88
C GLY A 307 -1.38 12.91 -19.14
N ARG A 308 -0.19 13.28 -19.63
CA ARG A 308 0.34 12.81 -20.92
C ARG A 308 1.33 11.64 -20.71
N VAL A 309 1.30 10.98 -19.54
CA VAL A 309 2.06 9.74 -19.37
C VAL A 309 1.78 8.80 -20.57
N LYS A 310 2.87 8.25 -21.12
CA LYS A 310 2.75 7.26 -22.25
C LYS A 310 2.62 5.91 -21.71
N THR A 311 1.80 5.13 -22.36
CA THR A 311 1.78 3.68 -22.19
C THR A 311 2.54 2.97 -23.28
N ILE A 312 2.79 1.70 -23.06
CA ILE A 312 3.58 0.89 -24.01
C ILE A 312 2.65 0.14 -24.93
N GLU A 313 2.88 0.42 -26.22
CA GLU A 313 2.24 -0.25 -27.32
C GLU A 313 0.74 -0.22 -27.07
N MET B 1 25.95 -22.43 16.61
CA MET B 1 24.52 -21.93 16.46
C MET B 1 24.03 -22.14 15.02
N CYS B 2 22.87 -22.79 14.91
CA CYS B 2 22.27 -22.95 13.59
C CYS B 2 20.84 -22.46 13.65
N LEU B 3 20.24 -22.18 12.46
CA LEU B 3 18.90 -21.57 12.26
C LEU B 3 17.83 -22.61 12.00
N LYS B 4 18.08 -23.92 12.25
CA LYS B 4 17.15 -25.00 11.84
C LYS B 4 15.88 -24.85 12.67
N LEU B 5 14.74 -25.17 12.05
CA LEU B 5 13.47 -25.23 12.68
C LEU B 5 12.53 -26.28 12.15
N ASN B 6 11.51 -26.65 12.94
CA ASN B 6 10.48 -27.61 12.59
C ASN B 6 9.18 -26.90 12.54
N LEU B 7 8.45 -27.01 11.41
CA LEU B 7 7.09 -26.52 11.26
C LEU B 7 6.30 -27.45 10.40
N LEU B 8 5.05 -27.56 10.69
CA LEU B 8 4.21 -28.32 9.81
C LEU B 8 4.68 -29.78 9.63
N ASP B 9 5.25 -30.36 10.65
CA ASP B 9 5.79 -31.72 10.59
C ASP B 9 6.88 -31.87 9.56
N HIS B 10 7.53 -30.77 9.24
CA HIS B 10 8.71 -30.85 8.45
C HIS B 10 9.88 -30.17 9.14
N VAL B 11 11.09 -30.57 8.78
CA VAL B 11 12.30 -29.92 9.30
C VAL B 11 12.88 -28.98 8.22
N PHE B 12 13.30 -27.79 8.67
CA PHE B 12 13.85 -26.74 7.76
C PHE B 12 15.21 -26.28 8.29
N ALA B 13 16.16 -26.16 7.39
CA ALA B 13 17.57 -25.79 7.78
C ALA B 13 17.62 -24.35 8.31
N ASN B 14 16.64 -23.57 7.90
CA ASN B 14 16.61 -22.12 8.21
C ASN B 14 15.24 -21.63 7.72
N PRO B 15 14.86 -20.41 8.11
CA PRO B 15 13.51 -20.00 7.83
C PRO B 15 13.34 -19.37 6.42
N PHE B 16 14.36 -19.33 5.58
CA PHE B 16 14.29 -18.63 4.28
C PHE B 16 13.79 -19.50 3.16
N MET B 17 13.00 -18.88 2.29
CA MET B 17 12.64 -19.46 1.01
C MET B 17 12.41 -18.39 0.00
N ASN B 18 12.26 -18.78 -1.28
CA ASN B 18 11.81 -17.88 -2.25
C ASN B 18 10.35 -17.54 -2.00
N ALA B 19 9.97 -16.39 -2.50
CA ALA B 19 8.58 -15.99 -2.69
C ALA B 19 8.01 -16.62 -3.94
N ALA B 20 6.74 -17.04 -3.91
CA ALA B 20 6.19 -17.64 -5.11
C ALA B 20 6.27 -16.71 -6.27
N GLY B 21 6.58 -17.28 -7.41
CA GLY B 21 6.72 -16.51 -8.62
C GLY B 21 8.16 -16.22 -9.00
N VAL B 22 9.05 -16.16 -7.99
CA VAL B 22 10.47 -15.82 -8.23
C VAL B 22 11.34 -17.06 -8.20
N LEU B 23 12.04 -17.23 -9.29
CA LEU B 23 13.00 -18.35 -9.45
C LEU B 23 12.37 -19.73 -9.23
N CYS B 24 11.22 -19.99 -9.89
CA CYS B 24 10.47 -21.17 -9.52
C CYS B 24 9.49 -21.63 -10.59
N SER B 25 9.72 -21.17 -11.80
CA SER B 25 8.78 -21.44 -12.87
C SER B 25 9.07 -22.70 -13.66
N THR B 26 10.30 -22.91 -13.94
CA THR B 26 10.75 -24.00 -14.71
C THR B 26 11.49 -25.06 -13.87
N GLU B 27 11.74 -26.24 -14.48
CA GLU B 27 12.48 -27.27 -13.82
C GLU B 27 13.90 -26.74 -13.41
N GLU B 28 14.48 -26.03 -14.36
CA GLU B 28 15.80 -25.40 -14.11
C GLU B 28 15.71 -24.50 -12.85
N ASP B 29 14.69 -23.67 -12.77
CA ASP B 29 14.57 -22.74 -11.64
C ASP B 29 14.43 -23.54 -10.37
N LEU B 30 13.54 -24.55 -10.34
CA LEU B 30 13.32 -25.34 -9.11
C LEU B 30 14.56 -26.09 -8.66
N ARG B 31 15.29 -26.59 -9.62
CA ARG B 31 16.55 -27.19 -9.30
C ARG B 31 17.57 -26.20 -8.75
N CYS B 32 17.58 -24.96 -9.27
CA CYS B 32 18.47 -23.91 -8.78
C CYS B 32 18.06 -23.57 -7.35
N MET B 33 16.80 -23.37 -7.07
CA MET B 33 16.36 -23.14 -5.67
C MET B 33 16.66 -24.31 -4.76
N THR B 34 16.56 -25.53 -5.28
CA THR B 34 16.83 -26.67 -4.46
C THR B 34 18.33 -26.71 -4.10
N ALA B 35 19.18 -26.37 -5.03
CA ALA B 35 20.65 -26.30 -4.81
C ALA B 35 21.12 -25.16 -3.94
N SER B 36 20.29 -24.15 -3.77
CA SER B 36 20.62 -23.03 -2.92
C SER B 36 20.64 -23.38 -1.45
N SER B 37 21.05 -22.41 -0.67
CA SER B 37 21.07 -22.52 0.78
C SER B 37 19.73 -22.26 1.41
N SER B 38 18.69 -22.02 0.64
CA SER B 38 17.36 -21.75 1.29
C SER B 38 16.91 -22.95 2.10
N GLY B 39 16.10 -22.67 3.09
CA GLY B 39 15.48 -23.69 3.89
C GLY B 39 14.37 -24.44 3.23
N ALA B 40 13.72 -23.77 2.23
CA ALA B 40 12.58 -24.36 1.51
C ALA B 40 12.50 -23.71 0.15
N LEU B 41 11.56 -24.16 -0.65
CA LEU B 41 11.23 -23.51 -1.91
C LEU B 41 9.77 -23.62 -2.17
N VAL B 42 9.24 -22.74 -2.95
CA VAL B 42 7.80 -22.78 -3.35
C VAL B 42 7.79 -22.61 -4.89
N SER B 43 6.91 -23.37 -5.53
CA SER B 43 6.81 -23.32 -6.97
C SER B 43 5.99 -22.09 -7.41
N LYS B 44 6.06 -21.75 -8.69
CA LYS B 44 5.27 -20.67 -9.29
C LYS B 44 3.79 -21.01 -9.18
N SER B 45 2.97 -20.06 -8.85
CA SER B 45 1.52 -20.34 -8.78
C SER B 45 1.11 -20.90 -10.12
N CYS B 46 0.26 -21.91 -10.04
CA CYS B 46 -0.14 -22.57 -11.29
C CYS B 46 -1.63 -22.63 -11.50
N THR B 47 -1.96 -22.96 -12.76
CA THR B 47 -3.31 -23.07 -13.23
C THR B 47 -3.39 -24.45 -13.86
N SER B 48 -4.61 -24.88 -14.17
CA SER B 48 -4.76 -26.21 -14.71
C SER B 48 -4.07 -26.38 -16.02
N ALA B 49 -4.18 -25.36 -16.87
CA ALA B 49 -3.49 -25.37 -18.15
C ALA B 49 -2.28 -24.44 -18.12
N PRO B 50 -1.29 -24.68 -18.96
CA PRO B 50 -0.18 -23.73 -19.12
C PRO B 50 -0.69 -22.37 -19.51
N ARG B 51 0.04 -21.33 -19.12
CA ARG B 51 -0.28 -19.96 -19.54
C ARG B 51 1.04 -19.24 -19.97
N ASP B 52 0.95 -18.41 -20.99
CA ASP B 52 2.09 -17.64 -21.43
C ASP B 52 2.23 -16.34 -20.62
N GLY B 53 1.17 -15.96 -19.95
CA GLY B 53 1.19 -14.66 -19.24
C GLY B 53 1.05 -13.46 -20.16
N ASN B 54 1.30 -12.30 -19.62
CA ASN B 54 1.13 -11.05 -20.32
C ASN B 54 2.31 -10.68 -21.17
N PRO B 55 2.11 -9.71 -22.11
CA PRO B 55 3.18 -9.23 -22.94
C PRO B 55 4.30 -8.58 -22.13
N GLU B 56 5.48 -8.66 -22.67
CA GLU B 56 6.68 -8.04 -22.07
C GLU B 56 6.91 -6.64 -22.63
N PRO B 57 7.51 -5.73 -21.85
CA PRO B 57 8.02 -5.96 -20.50
C PRO B 57 6.96 -6.03 -19.44
N ARG B 58 7.14 -6.96 -18.52
CA ARG B 58 6.10 -7.23 -17.48
C ARG B 58 6.65 -7.23 -16.03
N TYR B 59 7.97 -7.09 -15.88
CA TYR B 59 8.63 -6.93 -14.63
C TYR B 59 9.67 -5.89 -14.83
N MET B 60 9.79 -4.97 -13.85
CA MET B 60 10.91 -4.10 -13.73
C MET B 60 11.29 -3.83 -12.32
N ALA B 61 12.56 -3.69 -12.10
CA ALA B 61 13.13 -3.41 -10.76
C ALA B 61 13.96 -2.13 -10.73
N PHE B 62 13.98 -1.52 -9.54
CA PHE B 62 14.55 -0.23 -9.27
C PHE B 62 15.15 -0.26 -7.88
N PRO B 63 15.83 0.83 -7.49
CA PRO B 63 16.47 0.78 -6.21
C PRO B 63 15.55 0.48 -5.06
N LEU B 64 14.32 0.96 -5.13
CA LEU B 64 13.40 0.78 -4.01
C LEU B 64 12.47 -0.43 -4.14
N GLY B 65 12.49 -1.14 -5.28
CA GLY B 65 11.70 -2.32 -5.38
C GLY B 65 11.36 -2.64 -6.79
N SER B 66 10.24 -3.31 -6.95
CA SER B 66 9.88 -3.81 -8.28
C SER B 66 8.39 -3.61 -8.54
N ILE B 67 8.04 -3.74 -9.80
CA ILE B 67 6.65 -3.70 -10.25
C ILE B 67 6.45 -4.84 -11.23
N ASN B 68 5.32 -5.55 -11.17
CA ASN B 68 5.13 -6.70 -12.11
C ASN B 68 3.68 -6.85 -12.44
N SER B 69 3.42 -7.18 -13.72
CA SER B 69 2.10 -7.68 -14.14
C SER B 69 2.42 -8.93 -14.95
N MET B 70 2.91 -9.97 -14.29
CA MET B 70 3.34 -11.12 -15.05
C MET B 70 2.16 -11.75 -15.77
N GLY B 71 1.01 -11.77 -15.20
CA GLY B 71 -0.18 -12.46 -15.79
C GLY B 71 -0.20 -13.96 -15.56
N LEU B 72 0.35 -14.45 -14.48
CA LEU B 72 0.37 -15.86 -14.17
C LEU B 72 0.91 -16.78 -15.29
N PRO B 73 2.05 -16.47 -15.81
CA PRO B 73 2.69 -17.45 -16.69
C PRO B 73 3.11 -18.62 -15.89
N ASN B 74 2.87 -19.86 -16.41
CA ASN B 74 3.30 -21.04 -15.69
C ASN B 74 3.24 -22.21 -16.64
N LEU B 75 3.84 -23.30 -16.21
CA LEU B 75 3.95 -24.47 -17.09
C LEU B 75 2.70 -25.38 -16.95
N GLY B 76 1.75 -24.99 -16.10
CA GLY B 76 0.56 -25.76 -15.86
C GLY B 76 0.74 -26.76 -14.70
N PHE B 77 -0.36 -27.04 -14.03
CA PHE B 77 -0.41 -27.92 -12.90
C PHE B 77 0.21 -29.30 -13.09
N ASP B 78 0.00 -29.91 -14.23
CA ASP B 78 0.58 -31.18 -14.38
C ASP B 78 2.12 -31.19 -14.24
N PHE B 79 2.79 -30.16 -14.75
CA PHE B 79 4.21 -30.05 -14.61
C PHE B 79 4.66 -29.93 -13.16
N TYR B 80 3.99 -29.04 -12.41
CA TYR B 80 4.40 -28.85 -10.99
C TYR B 80 4.10 -30.06 -10.13
N LEU B 81 2.99 -30.74 -10.44
CA LEU B 81 2.60 -31.96 -9.76
C LEU B 81 3.66 -33.04 -10.05
N LYS B 82 4.16 -33.16 -11.28
CA LYS B 82 5.19 -34.09 -11.58
C LYS B 82 6.55 -33.78 -10.95
N TYR B 83 6.87 -32.48 -10.89
CA TYR B 83 8.02 -32.04 -10.13
C TYR B 83 7.90 -32.54 -8.69
N ALA B 84 6.73 -32.25 -8.09
CA ALA B 84 6.54 -32.65 -6.67
C ALA B 84 6.57 -34.19 -6.44
N SER B 85 6.05 -34.90 -7.43
CA SER B 85 5.84 -36.33 -7.24
C SER B 85 7.07 -37.14 -7.66
N ASP B 86 7.82 -36.69 -8.66
CA ASP B 86 8.90 -37.51 -9.24
C ASP B 86 10.27 -36.89 -9.26
N LEU B 87 10.39 -35.53 -9.21
CA LEU B 87 11.66 -34.91 -9.47
C LEU B 87 12.30 -34.24 -8.27
N HIS B 88 11.51 -33.74 -7.35
CA HIS B 88 12.07 -33.03 -6.19
C HIS B 88 12.75 -33.95 -5.25
N ASP B 89 13.91 -33.51 -4.82
CA ASP B 89 14.60 -34.27 -3.81
C ASP B 89 14.28 -33.75 -2.37
N TYR B 90 13.38 -34.45 -1.70
CA TYR B 90 12.92 -34.08 -0.37
C TYR B 90 13.99 -34.21 0.70
N SER B 91 15.08 -34.87 0.39
CA SER B 91 16.14 -34.96 1.37
C SER B 91 16.91 -33.65 1.46
N LYS B 92 16.72 -32.75 0.48
CA LYS B 92 17.42 -31.50 0.41
C LYS B 92 16.67 -30.42 1.20
N LYS B 93 15.35 -30.37 1.05
CA LYS B 93 14.51 -29.37 1.76
C LYS B 93 13.03 -29.57 1.36
N PRO B 94 12.11 -29.03 2.15
CA PRO B 94 10.73 -29.10 1.81
C PRO B 94 10.34 -28.34 0.60
N LEU B 95 9.25 -28.75 0.00
CA LEU B 95 8.69 -28.12 -1.12
C LEU B 95 7.24 -27.70 -0.86
N PHE B 96 6.92 -26.44 -1.24
CA PHE B 96 5.59 -25.92 -1.30
C PHE B 96 5.14 -25.75 -2.75
N LEU B 97 3.90 -26.14 -3.07
CA LEU B 97 3.39 -25.96 -4.39
C LEU B 97 2.31 -24.85 -4.25
N SER B 98 2.38 -23.79 -5.05
CA SER B 98 1.40 -22.72 -5.04
C SER B 98 0.42 -22.93 -6.13
N ILE B 99 -0.86 -22.86 -5.80
CA ILE B 99 -1.90 -22.97 -6.79
C ILE B 99 -2.69 -21.69 -6.86
N SER B 100 -3.06 -21.29 -8.06
CA SER B 100 -3.80 -20.08 -8.25
C SER B 100 -4.78 -20.24 -9.40
N GLY B 101 -5.70 -21.13 -9.19
CA GLY B 101 -6.77 -21.36 -10.18
C GLY B 101 -7.62 -20.11 -10.31
N LEU B 102 -8.23 -19.96 -11.48
CA LEU B 102 -9.00 -18.74 -11.83
C LEU B 102 -10.51 -18.81 -11.41
N SER B 103 -10.90 -19.92 -10.81
CA SER B 103 -12.21 -20.09 -10.17
C SER B 103 -12.05 -21.08 -9.09
N VAL B 104 -13.07 -21.19 -8.26
CA VAL B 104 -13.04 -22.14 -7.23
C VAL B 104 -13.01 -23.58 -7.78
N GLU B 105 -13.73 -23.82 -8.87
CA GLU B 105 -13.75 -25.13 -9.43
C GLU B 105 -12.40 -25.65 -9.89
N GLU B 106 -11.62 -24.71 -10.40
CA GLU B 106 -10.29 -25.02 -10.93
C GLU B 106 -9.36 -25.36 -9.77
N ASN B 107 -9.44 -24.57 -8.71
CA ASN B 107 -8.68 -24.89 -7.49
C ASN B 107 -9.09 -26.19 -6.91
N VAL B 108 -10.41 -26.49 -6.86
CA VAL B 108 -10.82 -27.78 -6.33
C VAL B 108 -10.25 -28.94 -7.15
N ALA B 109 -10.29 -28.80 -8.46
CA ALA B 109 -9.77 -29.86 -9.33
C ALA B 109 -8.27 -30.17 -9.13
N MET B 110 -7.49 -29.11 -8.94
CA MET B 110 -6.06 -29.29 -8.70
C MET B 110 -5.81 -29.88 -7.34
N VAL B 111 -6.44 -29.35 -6.24
CA VAL B 111 -6.15 -29.83 -4.93
C VAL B 111 -6.58 -31.31 -4.74
N ARG B 112 -7.61 -31.72 -5.46
CA ARG B 112 -8.03 -33.18 -5.41
C ARG B 112 -6.89 -34.08 -5.88
N ARG B 113 -6.17 -33.61 -6.88
CA ARG B 113 -4.99 -34.33 -7.42
C ARG B 113 -3.73 -34.23 -6.59
N LEU B 114 -3.56 -33.10 -5.90
CA LEU B 114 -2.42 -32.90 -5.10
C LEU B 114 -2.45 -33.69 -3.86
N ALA B 115 -3.64 -33.90 -3.27
CA ALA B 115 -3.75 -34.57 -1.95
C ALA B 115 -2.94 -35.85 -1.80
N PRO B 116 -3.06 -36.81 -2.77
CA PRO B 116 -2.29 -38.03 -2.54
C PRO B 116 -0.81 -37.86 -2.66
N VAL B 117 -0.35 -36.86 -3.43
CA VAL B 117 1.07 -36.52 -3.47
C VAL B 117 1.58 -35.85 -2.20
N ALA B 118 0.74 -34.97 -1.64
CA ALA B 118 0.97 -34.51 -0.33
C ALA B 118 1.12 -35.61 0.71
N GLN B 119 0.15 -36.56 0.74
CA GLN B 119 0.22 -37.69 1.70
C GLN B 119 1.48 -38.49 1.51
N GLU B 120 1.79 -38.80 0.24
CA GLU B 120 2.93 -39.65 -0.06
C GLU B 120 4.30 -38.99 0.09
N LYS B 121 4.43 -37.76 -0.45
CA LYS B 121 5.71 -37.12 -0.52
C LYS B 121 5.87 -35.96 0.48
N GLY B 122 4.79 -35.43 1.02
CA GLY B 122 4.89 -34.37 2.00
C GLY B 122 4.99 -32.95 1.40
N VAL B 123 4.80 -32.79 0.09
CA VAL B 123 4.65 -31.46 -0.53
C VAL B 123 3.57 -30.69 0.20
N LEU B 124 3.74 -29.38 0.35
CA LEU B 124 2.84 -28.53 1.05
C LEU B 124 2.10 -27.57 0.18
N LEU B 125 0.81 -27.42 0.36
CA LEU B 125 0.03 -26.51 -0.51
C LEU B 125 0.00 -25.06 0.03
N GLU B 126 0.30 -24.11 -0.84
CA GLU B 126 0.06 -22.66 -0.63
C GLU B 126 -0.98 -22.25 -1.63
N LEU B 127 -2.21 -21.87 -1.20
CA LEU B 127 -3.25 -21.42 -2.02
C LEU B 127 -3.22 -19.93 -2.19
N ASN B 128 -3.00 -19.49 -3.40
CA ASN B 128 -2.94 -18.02 -3.66
C ASN B 128 -4.34 -17.41 -3.81
N LEU B 129 -4.74 -16.57 -2.86
CA LEU B 129 -6.03 -15.91 -2.93
C LEU B 129 -5.98 -14.52 -3.58
N SER B 130 -4.94 -14.23 -4.43
CA SER B 130 -4.97 -13.24 -5.58
C SER B 130 -5.24 -13.83 -7.02
N CYS B 131 -5.64 -13.01 -7.98
CA CYS B 131 -6.26 -13.45 -9.23
C CYS B 131 -6.22 -12.33 -10.32
N PRO B 132 -6.33 -12.68 -11.62
CA PRO B 132 -6.46 -11.66 -12.71
C PRO B 132 -7.66 -10.77 -12.44
N ASN B 133 -7.58 -9.49 -12.85
CA ASN B 133 -8.74 -8.58 -12.71
C ASN B 133 -9.90 -9.14 -13.53
N VAL B 134 -11.09 -9.08 -12.94
CA VAL B 134 -12.39 -9.38 -13.62
C VAL B 134 -13.29 -8.15 -13.44
N PRO B 135 -13.57 -7.40 -14.54
CA PRO B 135 -14.36 -6.20 -14.27
C PRO B 135 -15.68 -6.51 -13.51
N GLY B 136 -15.97 -5.60 -12.59
CA GLY B 136 -17.11 -5.74 -11.72
C GLY B 136 -16.82 -6.56 -10.47
N LYS B 137 -15.65 -7.21 -10.35
CA LYS B 137 -15.33 -7.94 -9.05
C LYS B 137 -13.93 -7.82 -8.46
N PRO B 138 -13.85 -7.65 -7.11
CA PRO B 138 -12.50 -7.56 -6.54
C PRO B 138 -11.79 -8.90 -6.49
N GLN B 139 -10.51 -8.87 -6.26
CA GLN B 139 -9.71 -10.01 -5.95
C GLN B 139 -10.36 -10.79 -4.82
N VAL B 140 -10.13 -12.10 -4.86
CA VAL B 140 -10.85 -13.01 -3.98
C VAL B 140 -10.64 -12.63 -2.52
N ALA B 141 -9.38 -12.33 -2.14
CA ALA B 141 -9.20 -12.00 -0.73
C ALA B 141 -9.70 -10.68 -0.30
N TYR B 142 -10.11 -9.86 -1.27
CA TYR B 142 -10.82 -8.64 -0.99
C TYR B 142 -12.39 -8.71 -1.11
N ASP B 143 -12.87 -9.92 -1.24
CA ASP B 143 -14.29 -10.23 -1.29
C ASP B 143 -14.47 -11.37 -0.28
N PHE B 144 -14.87 -11.05 0.93
CA PHE B 144 -14.76 -11.98 2.03
C PHE B 144 -15.69 -13.17 1.87
N GLU B 145 -16.84 -12.96 1.22
CA GLU B 145 -17.71 -14.08 0.97
C GLU B 145 -17.09 -15.04 -0.05
N ALA B 146 -16.42 -14.52 -1.05
CA ALA B 146 -15.76 -15.34 -1.99
C ALA B 146 -14.64 -16.10 -1.33
N MET B 147 -13.85 -15.39 -0.48
CA MET B 147 -12.75 -16.05 0.24
C MET B 147 -13.25 -17.24 1.06
N ARG B 148 -14.35 -17.03 1.78
CA ARG B 148 -14.95 -18.11 2.59
C ARG B 148 -15.32 -19.30 1.69
N THR B 149 -15.89 -18.98 0.54
CA THR B 149 -16.20 -20.04 -0.47
C THR B 149 -15.02 -20.84 -0.91
N TYR B 150 -13.99 -20.15 -1.31
CA TYR B 150 -12.82 -20.83 -1.72
C TYR B 150 -12.29 -21.74 -0.61
N LEU B 151 -12.19 -21.22 0.60
CA LEU B 151 -11.58 -21.94 1.64
C LEU B 151 -12.45 -23.15 2.01
N GLN B 152 -13.77 -22.96 2.00
CA GLN B 152 -14.70 -24.08 2.27
C GLN B 152 -14.49 -25.19 1.27
N GLN B 153 -14.49 -24.83 0.01
CA GLN B 153 -14.37 -25.83 -1.06
C GLN B 153 -13.01 -26.48 -1.09
N VAL B 154 -11.92 -25.72 -0.91
CA VAL B 154 -10.62 -26.34 -0.87
C VAL B 154 -10.42 -27.21 0.31
N SER B 155 -10.85 -26.77 1.49
CA SER B 155 -10.70 -27.55 2.66
C SER B 155 -11.39 -28.93 2.43
N LEU B 156 -12.60 -28.93 1.87
CA LEU B 156 -13.36 -30.18 1.65
C LEU B 156 -12.64 -31.08 0.66
N ALA B 157 -12.21 -30.47 -0.43
CA ALA B 157 -11.61 -31.24 -1.55
C ALA B 157 -10.22 -31.75 -1.22
N TYR B 158 -9.45 -31.00 -0.42
CA TYR B 158 -8.11 -31.32 -0.15
C TYR B 158 -7.96 -32.14 1.10
N GLY B 159 -8.62 -31.71 2.18
CA GLY B 159 -8.62 -32.49 3.38
C GLY B 159 -7.41 -32.61 4.26
N LEU B 160 -6.32 -31.88 3.95
CA LEU B 160 -5.05 -31.93 4.66
C LEU B 160 -4.66 -30.46 4.98
N PRO B 161 -3.73 -30.31 5.88
CA PRO B 161 -3.23 -28.94 6.28
C PRO B 161 -2.69 -28.20 5.05
N PHE B 162 -2.97 -26.92 4.98
CA PHE B 162 -2.52 -26.11 3.84
C PHE B 162 -2.38 -24.69 4.31
N GLY B 163 -1.82 -23.84 3.47
CA GLY B 163 -1.69 -22.42 3.74
C GLY B 163 -2.27 -21.57 2.69
N VAL B 164 -2.36 -20.28 2.97
CA VAL B 164 -2.94 -19.34 2.12
C VAL B 164 -2.02 -18.12 1.94
N LYS B 165 -1.83 -17.71 0.73
CA LYS B 165 -1.09 -16.48 0.35
C LYS B 165 -2.11 -15.31 0.26
N MET B 166 -1.88 -14.27 1.07
CA MET B 166 -2.80 -13.15 1.23
C MET B 166 -2.23 -11.88 0.63
N PRO B 167 -3.07 -11.04 -0.01
CA PRO B 167 -2.71 -9.69 -0.33
C PRO B 167 -2.69 -8.88 0.93
N PRO B 168 -1.99 -7.71 0.90
CA PRO B 168 -2.06 -6.81 2.04
C PRO B 168 -3.41 -6.17 2.27
N TYR B 169 -3.69 -5.98 3.55
CA TYR B 169 -4.81 -5.11 3.98
C TYR B 169 -4.33 -3.83 4.64
N PHE B 170 -5.20 -2.84 4.71
CA PHE B 170 -4.79 -1.49 5.10
C PHE B 170 -5.70 -0.88 6.10
N ASP B 171 -6.62 -1.70 6.64
CA ASP B 171 -7.70 -1.18 7.52
C ASP B 171 -7.95 -2.22 8.57
N ILE B 172 -8.04 -1.79 9.85
CA ILE B 172 -8.11 -2.75 10.93
C ILE B 172 -9.39 -3.55 10.86
N ALA B 173 -10.47 -2.95 10.41
CA ALA B 173 -11.69 -3.73 10.26
C ALA B 173 -11.49 -4.85 9.29
N HIS B 174 -10.76 -4.58 8.21
CA HIS B 174 -10.47 -5.62 7.27
C HIS B 174 -9.57 -6.73 7.86
N PHE B 175 -8.57 -6.40 8.62
CA PHE B 175 -7.77 -7.36 9.38
C PHE B 175 -8.71 -8.25 10.26
N ASP B 176 -9.60 -7.62 10.94
CA ASP B 176 -10.48 -8.37 11.83
C ASP B 176 -11.39 -9.31 10.99
N THR B 177 -11.94 -8.84 9.86
CA THR B 177 -12.84 -9.69 9.07
C THR B 177 -12.07 -10.85 8.45
N ALA B 178 -10.91 -10.53 7.88
CA ALA B 178 -10.11 -11.52 7.15
C ALA B 178 -9.65 -12.58 8.07
N ALA B 179 -9.17 -12.20 9.26
CA ALA B 179 -8.64 -13.17 10.17
C ALA B 179 -9.80 -14.08 10.72
N ALA B 180 -10.98 -13.50 10.91
CA ALA B 180 -12.14 -14.29 11.28
C ALA B 180 -12.51 -15.30 10.26
N VAL B 181 -12.43 -14.95 9.00
CA VAL B 181 -12.68 -15.93 7.92
C VAL B 181 -11.67 -17.07 8.10
N LEU B 182 -10.37 -16.70 8.11
CA LEU B 182 -9.36 -17.69 8.15
C LEU B 182 -9.49 -18.66 9.30
N ASN B 183 -9.88 -18.14 10.47
CA ASN B 183 -9.96 -18.93 11.69
C ASN B 183 -11.22 -19.84 11.66
N GLU B 184 -12.08 -19.72 10.65
CA GLU B 184 -13.21 -20.72 10.45
C GLU B 184 -12.64 -22.03 9.97
N PHE B 185 -11.43 -22.03 9.44
CA PHE B 185 -10.90 -23.20 8.72
C PHE B 185 -9.71 -23.81 9.42
N PRO B 186 -9.87 -24.88 10.19
CA PRO B 186 -8.79 -25.49 10.89
C PRO B 186 -7.66 -26.06 10.06
N LEU B 187 -7.96 -26.41 8.82
CA LEU B 187 -6.93 -26.97 7.97
C LEU B 187 -5.99 -25.85 7.45
N VAL B 188 -6.42 -24.58 7.57
CA VAL B 188 -5.47 -23.49 7.17
C VAL B 188 -4.49 -23.37 8.27
N LYS B 189 -3.29 -23.90 8.07
CA LYS B 189 -2.30 -23.94 9.15
C LYS B 189 -1.21 -22.85 9.04
N PHE B 190 -1.15 -22.21 7.89
CA PHE B 190 -0.23 -21.04 7.73
C PHE B 190 -0.84 -20.05 6.82
N VAL B 191 -0.46 -18.81 7.10
CA VAL B 191 -0.93 -17.65 6.37
C VAL B 191 0.31 -16.92 5.88
N THR B 192 0.47 -16.68 4.60
CA THR B 192 1.69 -15.96 4.09
C THR B 192 1.25 -14.58 3.80
N CYS B 193 1.89 -13.62 4.50
CA CYS B 193 1.58 -12.20 4.41
C CYS B 193 2.86 -11.51 3.99
N VAL B 194 3.00 -10.93 2.80
CA VAL B 194 1.98 -10.55 1.85
C VAL B 194 2.41 -10.83 0.43
N ASN B 195 1.37 -10.86 -0.42
CA ASN B 195 1.57 -10.71 -1.87
C ASN B 195 1.95 -9.26 -2.19
N SER B 196 2.22 -8.96 -3.44
CA SER B 196 2.55 -7.62 -3.84
C SER B 196 1.45 -6.60 -3.51
N VAL B 197 1.88 -5.38 -3.31
CA VAL B 197 0.90 -4.28 -3.05
C VAL B 197 0.30 -3.92 -4.41
N GLY B 198 -1.01 -4.08 -4.54
CA GLY B 198 -1.65 -4.07 -5.85
C GLY B 198 -1.68 -2.76 -6.53
N ASN B 199 -1.52 -2.84 -7.86
CA ASN B 199 -1.87 -1.73 -8.71
C ASN B 199 -1.12 -0.42 -8.35
N GLY B 200 0.19 -0.55 -8.18
CA GLY B 200 1.07 0.57 -8.24
C GLY B 200 1.39 0.97 -9.67
N LEU B 201 1.99 2.13 -9.81
CA LEU B 201 2.35 2.67 -11.15
C LEU B 201 3.70 3.34 -11.09
N VAL B 202 4.68 2.79 -11.81
CA VAL B 202 6.00 3.38 -11.92
C VAL B 202 6.07 4.12 -13.28
N ILE B 203 6.54 5.34 -13.22
CA ILE B 203 6.72 6.18 -14.44
C ILE B 203 8.19 6.59 -14.52
N ASP B 204 8.76 6.53 -15.71
CA ASP B 204 10.11 6.99 -15.99
C ASP B 204 10.07 8.46 -16.47
N ALA B 205 10.70 9.34 -15.71
CA ALA B 205 10.71 10.76 -16.04
C ALA B 205 11.34 11.04 -17.42
N GLU B 206 12.45 10.39 -17.77
CA GLU B 206 13.09 10.75 -19.04
C GLU B 206 12.19 10.46 -20.23
N SER B 207 11.61 9.27 -20.28
CA SER B 207 10.85 8.81 -21.38
C SER B 207 9.37 9.25 -21.30
N GLU B 208 9.00 9.65 -20.08
CA GLU B 208 7.61 10.06 -19.77
C GLU B 208 6.63 8.92 -19.93
N SER B 209 7.11 7.71 -19.72
CA SER B 209 6.42 6.46 -19.98
C SER B 209 6.31 5.61 -18.76
N VAL B 210 5.23 4.85 -18.70
CA VAL B 210 5.19 3.75 -17.78
C VAL B 210 6.26 2.69 -18.20
N VAL B 211 6.58 1.75 -17.29
CA VAL B 211 7.72 0.87 -17.48
C VAL B 211 7.35 -0.58 -17.72
N ILE B 212 6.13 -0.96 -17.52
CA ILE B 212 5.63 -2.27 -17.94
C ILE B 212 4.43 -2.06 -18.93
N LYS B 213 4.32 -3.03 -19.84
CA LYS B 213 3.37 -2.97 -20.94
C LYS B 213 1.93 -3.31 -20.55
N PRO B 214 1.68 -4.39 -19.75
CA PRO B 214 0.28 -4.74 -19.43
C PRO B 214 -0.39 -3.64 -18.58
N LYS B 215 -1.72 -3.63 -18.65
CA LYS B 215 -2.52 -2.90 -17.67
C LYS B 215 -2.15 -1.43 -17.65
N GLN B 216 -1.75 -0.82 -18.78
CA GLN B 216 -1.38 0.60 -18.85
C GLN B 216 -0.33 1.00 -17.79
N GLY B 217 0.52 0.01 -17.49
CA GLY B 217 1.69 0.20 -16.62
C GLY B 217 1.42 -0.13 -15.16
N PHE B 218 0.21 -0.44 -14.82
CA PHE B 218 -0.16 -0.75 -13.35
C PHE B 218 0.34 -2.15 -13.06
N GLY B 219 0.83 -2.39 -11.86
CA GLY B 219 1.26 -3.69 -11.45
C GLY B 219 1.55 -3.76 -9.97
N GLY B 220 1.78 -4.99 -9.52
CA GLY B 220 2.01 -5.24 -8.10
C GLY B 220 3.41 -4.80 -7.72
N LEU B 221 3.49 -4.18 -6.54
CA LEU B 221 4.74 -3.67 -6.03
C LEU B 221 5.34 -4.63 -5.03
N GLY B 222 6.67 -4.78 -5.11
CA GLY B 222 7.44 -5.45 -4.11
C GLY B 222 8.67 -4.71 -3.72
N GLY B 223 9.40 -5.28 -2.76
CA GLY B 223 10.66 -4.74 -2.35
C GLY B 223 10.57 -3.67 -1.27
N LYS B 224 11.50 -2.74 -1.27
CA LYS B 224 11.61 -1.77 -0.14
C LYS B 224 10.39 -0.96 0.08
N TYR B 225 9.65 -0.66 -0.98
CA TYR B 225 8.45 0.11 -0.83
C TYR B 225 7.47 -0.55 0.21
N ILE B 226 7.49 -1.89 0.33
CA ILE B 226 6.41 -2.55 1.00
C ILE B 226 6.73 -3.13 2.34
N LEU B 227 7.95 -2.89 2.83
CA LEU B 227 8.32 -3.55 4.08
C LEU B 227 7.40 -3.21 5.30
N PRO B 228 7.12 -1.91 5.51
CA PRO B 228 6.26 -1.68 6.67
C PRO B 228 4.80 -2.23 6.54
N THR B 229 4.31 -2.32 5.28
CA THR B 229 3.01 -2.92 4.96
C THR B 229 3.11 -4.38 5.34
N ALA B 230 4.13 -5.03 4.86
CA ALA B 230 4.34 -6.43 5.06
C ALA B 230 4.43 -6.76 6.57
N LEU B 231 5.24 -5.98 7.33
CA LEU B 231 5.36 -6.19 8.76
C LEU B 231 4.00 -6.04 9.48
N ALA B 232 3.22 -5.03 9.03
CA ALA B 232 1.91 -4.84 9.62
C ALA B 232 0.99 -5.98 9.43
N ASN B 233 0.97 -6.51 8.21
CA ASN B 233 0.16 -7.64 7.99
C ASN B 233 0.63 -8.89 8.74
N VAL B 234 1.92 -9.15 8.74
CA VAL B 234 2.46 -10.24 9.48
C VAL B 234 1.95 -10.09 10.94
N ASN B 235 2.16 -8.96 11.56
CA ASN B 235 1.87 -8.90 12.98
C ASN B 235 0.36 -8.94 13.20
N ALA B 236 -0.44 -8.32 12.31
CA ALA B 236 -1.89 -8.30 12.51
C ALA B 236 -2.41 -9.72 12.52
N PHE B 237 -1.99 -10.53 11.55
CA PHE B 237 -2.41 -11.94 11.51
C PHE B 237 -1.79 -12.77 12.59
N TYR B 238 -0.57 -12.50 12.99
CA TYR B 238 0.06 -13.22 14.07
C TYR B 238 -0.79 -13.02 15.36
N ARG B 239 -1.20 -11.79 15.59
CA ARG B 239 -2.02 -11.49 16.76
C ARG B 239 -3.40 -12.17 16.67
N ARG B 240 -3.99 -12.18 15.50
CA ARG B 240 -5.36 -12.66 15.32
C ARG B 240 -5.52 -14.15 15.10
N CYS B 241 -4.45 -14.83 14.76
CA CYS B 241 -4.53 -16.29 14.42
C CYS B 241 -3.57 -17.06 15.24
N PRO B 242 -3.84 -17.18 16.54
CA PRO B 242 -2.93 -17.88 17.40
C PRO B 242 -2.75 -19.36 17.14
N ASP B 243 -3.65 -20.05 16.45
CA ASP B 243 -3.48 -21.44 16.13
C ASP B 243 -2.94 -21.69 14.75
N LYS B 244 -2.42 -20.63 14.09
CA LYS B 244 -1.82 -20.76 12.79
C LYS B 244 -0.38 -20.26 12.85
N LEU B 245 0.40 -20.63 11.87
CA LEU B 245 1.68 -19.98 11.61
C LEU B 245 1.48 -18.87 10.63
N VAL B 246 2.34 -17.84 10.72
CA VAL B 246 2.40 -16.76 9.74
C VAL B 246 3.73 -16.83 9.07
N PHE B 247 3.72 -16.79 7.73
CA PHE B 247 4.96 -16.70 6.92
C PHE B 247 5.09 -15.27 6.44
N GLY B 248 6.26 -14.64 6.60
CA GLY B 248 6.42 -13.26 6.17
C GLY B 248 6.98 -13.17 4.80
N CYS B 249 6.49 -12.24 4.03
CA CYS B 249 6.97 -11.91 2.69
C CYS B 249 6.80 -10.43 2.45
N GLY B 250 7.85 -9.79 1.99
CA GLY B 250 7.77 -8.43 1.50
C GLY B 250 8.89 -7.63 2.05
N GLY B 251 9.71 -7.15 1.13
CA GLY B 251 10.73 -6.18 1.50
C GLY B 251 11.93 -6.72 2.18
N VAL B 252 12.18 -8.04 2.10
CA VAL B 252 13.39 -8.62 2.73
C VAL B 252 14.57 -8.49 1.78
N TYR B 253 15.59 -7.75 2.19
CA TYR B 253 16.84 -7.63 1.47
C TYR B 253 18.04 -8.02 2.38
N SER B 254 17.83 -8.15 3.67
CA SER B 254 18.94 -8.28 4.58
C SER B 254 18.47 -9.15 5.73
N GLY B 255 19.45 -9.65 6.49
CA GLY B 255 19.11 -10.33 7.73
C GLY B 255 18.40 -9.50 8.75
N GLU B 256 18.64 -8.21 8.75
CA GLU B 256 17.91 -7.26 9.61
C GLU B 256 16.44 -7.19 9.21
N ASP B 257 16.16 -7.25 7.92
CA ASP B 257 14.77 -7.18 7.52
C ASP B 257 14.07 -8.48 7.91
N ALA B 258 14.75 -9.64 7.79
CA ALA B 258 14.24 -10.92 8.21
C ALA B 258 13.96 -10.92 9.71
N PHE B 259 14.92 -10.34 10.42
CA PHE B 259 14.76 -10.19 11.86
C PHE B 259 13.50 -9.46 12.26
N LEU B 260 13.21 -8.41 11.54
CA LEU B 260 12.00 -7.64 11.81
C LEU B 260 10.76 -8.50 11.50
N HIS B 261 10.74 -9.21 10.38
CA HIS B 261 9.62 -10.04 10.07
C HIS B 261 9.41 -11.10 11.19
N ILE B 262 10.48 -11.74 11.71
CA ILE B 262 10.37 -12.71 12.77
C ILE B 262 9.85 -12.07 14.07
N LEU B 263 10.35 -10.89 14.34
CA LEU B 263 9.89 -10.12 15.57
C LEU B 263 8.40 -9.82 15.46
N ALA B 264 7.90 -9.58 14.21
CA ALA B 264 6.52 -9.32 13.97
C ALA B 264 5.66 -10.55 14.08
N GLY B 265 6.31 -11.73 13.99
CA GLY B 265 5.61 -12.97 14.08
C GLY B 265 5.96 -14.07 13.04
N ALA B 266 6.74 -13.78 12.05
CA ALA B 266 6.93 -14.76 10.98
C ALA B 266 7.71 -16.03 11.40
N SER B 267 7.23 -17.18 10.91
CA SER B 267 7.90 -18.43 11.07
C SER B 267 8.83 -18.71 9.93
N MET B 268 8.39 -18.69 8.72
CA MET B 268 9.28 -18.69 7.56
C MET B 268 9.29 -17.24 7.02
N VAL B 269 10.32 -16.92 6.24
CA VAL B 269 10.58 -15.56 5.65
C VAL B 269 10.86 -15.83 4.16
N GLN B 270 10.01 -15.22 3.34
CA GLN B 270 10.12 -15.43 1.87
C GLN B 270 10.78 -14.20 1.27
N VAL B 271 11.48 -14.43 0.17
CA VAL B 271 12.25 -13.40 -0.53
C VAL B 271 11.92 -13.35 -1.98
N GLY B 272 11.37 -12.24 -2.45
CA GLY B 272 10.85 -12.04 -3.81
C GLY B 272 11.81 -11.19 -4.61
N THR B 273 11.54 -9.89 -4.67
CA THR B 273 12.30 -8.90 -5.40
C THR B 273 13.77 -9.06 -5.14
N ALA B 274 14.18 -9.10 -3.90
CA ALA B 274 15.63 -9.16 -3.62
C ALA B 274 16.34 -10.38 -4.25
N LEU B 275 15.63 -11.49 -4.26
CA LEU B 275 16.08 -12.72 -4.83
C LEU B 275 16.13 -12.56 -6.34
N GLN B 276 15.09 -12.03 -6.94
CA GLN B 276 15.06 -11.77 -8.38
C GLN B 276 16.25 -10.90 -8.80
N GLU B 277 16.65 -9.94 -7.98
CA GLU B 277 17.67 -8.99 -8.32
C GLU B 277 19.07 -9.56 -7.99
N GLU B 278 19.26 -10.26 -6.91
CA GLU B 278 20.60 -10.71 -6.45
C GLU B 278 20.91 -12.13 -6.81
N GLY B 279 19.92 -12.94 -7.02
CA GLY B 279 20.07 -14.31 -7.33
C GLY B 279 20.18 -15.15 -6.02
N PRO B 280 20.31 -16.48 -6.12
CA PRO B 280 20.20 -17.40 -5.01
C PRO B 280 21.28 -17.36 -3.99
N GLY B 281 22.39 -16.73 -4.38
CA GLY B 281 23.42 -16.39 -3.42
C GLY B 281 22.92 -15.61 -2.24
N ILE B 282 21.81 -14.90 -2.43
CA ILE B 282 21.29 -14.09 -1.36
C ILE B 282 21.07 -14.94 -0.08
N PHE B 283 20.72 -16.23 -0.21
CA PHE B 283 20.32 -16.99 0.96
C PHE B 283 21.52 -17.20 1.91
N THR B 284 22.73 -17.31 1.43
CA THR B 284 23.84 -17.44 2.38
C THR B 284 24.06 -16.17 3.14
N ARG B 285 23.97 -15.04 2.45
CA ARG B 285 24.08 -13.71 3.03
C ARG B 285 23.01 -13.50 4.08
N LEU B 286 21.75 -13.74 3.76
CA LEU B 286 20.66 -13.55 4.73
C LEU B 286 20.88 -14.37 6.00
N GLU B 287 21.25 -15.64 5.83
CA GLU B 287 21.54 -16.51 6.97
C GLU B 287 22.63 -15.90 7.85
N ASP B 288 23.73 -15.54 7.21
CA ASP B 288 24.88 -15.00 7.95
C ASP B 288 24.44 -13.76 8.71
N GLU B 289 23.73 -12.85 8.02
CA GLU B 289 23.33 -11.61 8.61
C GLU B 289 22.37 -11.85 9.80
N LEU B 290 21.42 -12.73 9.64
CA LEU B 290 20.45 -13.02 10.68
C LEU B 290 21.19 -13.62 11.90
N LEU B 291 22.13 -14.54 11.69
CA LEU B 291 22.90 -15.14 12.79
C LEU B 291 23.74 -14.05 13.45
N GLU B 292 24.31 -13.12 12.70
CA GLU B 292 25.10 -12.06 13.33
C GLU B 292 24.26 -11.21 14.28
N ILE B 293 23.10 -10.78 13.79
CA ILE B 293 22.24 -9.97 14.66
C ILE B 293 21.80 -10.77 15.92
N MET B 294 21.49 -12.03 15.72
CA MET B 294 21.12 -12.90 16.88
C MET B 294 22.31 -12.96 17.91
N ALA B 295 23.51 -13.17 17.40
CA ALA B 295 24.69 -13.27 18.28
C ALA B 295 24.86 -11.97 19.00
N ARG B 296 24.74 -10.86 18.31
CA ARG B 296 24.96 -9.54 18.98
C ARG B 296 23.96 -9.38 20.08
N LYS B 297 22.73 -9.86 19.90
CA LYS B 297 21.69 -9.68 20.89
C LYS B 297 21.64 -10.78 21.95
N GLY B 298 22.41 -11.84 21.80
CA GLY B 298 22.32 -12.94 22.71
C GLY B 298 21.19 -13.93 22.52
N TYR B 299 20.57 -13.96 21.31
CA TYR B 299 19.53 -14.90 21.02
C TYR B 299 20.16 -16.14 20.44
N ARG B 300 19.72 -17.29 20.95
CA ARG B 300 20.18 -18.59 20.48
C ARG B 300 19.20 -19.24 19.56
N THR B 301 17.92 -18.83 19.59
CA THR B 301 16.89 -19.45 18.85
C THR B 301 16.02 -18.38 18.26
N LEU B 302 15.33 -18.75 17.18
CA LEU B 302 14.25 -17.91 16.66
C LEU B 302 13.06 -17.78 17.54
N GLU B 303 12.71 -18.84 18.25
CA GLU B 303 11.62 -18.86 19.19
C GLU B 303 11.76 -17.84 20.30
N GLU B 304 12.98 -17.56 20.67
CA GLU B 304 13.19 -16.56 21.74
C GLU B 304 12.65 -15.20 21.38
N PHE B 305 12.55 -14.85 20.09
CA PHE B 305 12.08 -13.50 19.72
C PHE B 305 10.93 -13.44 18.72
N ARG B 306 10.47 -14.58 18.22
CA ARG B 306 9.43 -14.55 17.24
C ARG B 306 8.19 -13.93 17.90
N GLY B 307 7.61 -12.91 17.27
CA GLY B 307 6.39 -12.30 17.69
C GLY B 307 6.58 -11.42 18.91
N ARG B 308 7.81 -11.21 19.30
CA ARG B 308 8.07 -10.44 20.52
C ARG B 308 8.34 -8.97 20.29
N VAL B 309 7.92 -8.41 19.16
CA VAL B 309 7.97 -6.99 18.96
C VAL B 309 7.39 -6.32 20.20
N LYS B 310 8.05 -5.24 20.68
CA LYS B 310 7.57 -4.46 21.79
C LYS B 310 6.73 -3.31 21.33
N THR B 311 5.68 -3.05 22.08
CA THR B 311 4.86 -1.84 21.91
C THR B 311 5.22 -0.87 22.97
N ILE B 312 4.83 0.35 22.75
CA ILE B 312 5.13 1.45 23.70
C ILE B 312 3.99 1.68 24.66
N GLU B 313 4.39 1.75 25.93
CA GLU B 313 3.52 1.88 27.12
C GLU B 313 2.58 0.70 27.26
#